data_8WQ3
#
_entry.id   8WQ3
#
_cell.length_a   71.261
_cell.length_b   74.602
_cell.length_c   195.843
_cell.angle_alpha   90.00
_cell.angle_beta   90.00
_cell.angle_gamma   90.00
#
_symmetry.space_group_name_H-M   'C 2 2 21'
#
loop_
_entity.id
_entity.type
_entity.pdbx_description
1 polymer 'RNA-binding protein 45'
2 non-polymer 'CHLORIDE ION'
3 water water
#
_entity_poly.entity_id   1
_entity_poly.type   'polypeptide(L)'
_entity_poly.pdbx_seq_one_letter_code
;MQIQTDVVLPSCKKKAPAETPVKERLFIVFNPHPLPLDVLEDIFCRFGNLIEVYLVSGKNVGYAKYADRISANDAIATLH
GKILNGVRLKVMLADSPREESNKRQRTYLEHHHHHH
;
_entity_poly.pdbx_strand_id   A,B,C,D
#
loop_
_chem_comp.id
_chem_comp.type
_chem_comp.name
_chem_comp.formula
CL non-polymer 'CHLORIDE ION' 'Cl -1'
#
# COMPACT_ATOMS: atom_id res chain seq x y z
N MET A 1 34.21 7.28 35.07
CA MET A 1 33.22 6.35 34.54
C MET A 1 32.49 5.65 35.68
N GLN A 2 31.16 5.70 35.66
CA GLN A 2 30.38 5.11 36.74
C GLN A 2 30.10 3.65 36.46
N ILE A 3 30.20 2.83 37.50
CA ILE A 3 29.68 1.47 37.49
C ILE A 3 28.84 1.31 38.75
N GLN A 4 27.52 1.46 38.61
CA GLN A 4 26.59 1.27 39.71
C GLN A 4 25.55 0.26 39.25
N THR A 5 25.61 -0.95 39.77
CA THR A 5 24.77 -2.03 39.25
C THR A 5 24.41 -2.99 40.36
N ASP A 6 23.32 -3.74 40.13
CA ASP A 6 22.80 -4.73 41.06
C ASP A 6 23.12 -6.15 40.62
N VAL A 7 24.21 -6.34 39.87
CA VAL A 7 24.57 -7.64 39.33
C VAL A 7 26.08 -7.83 39.46
N VAL A 8 26.49 -9.07 39.62
CA VAL A 8 27.91 -9.41 39.72
C VAL A 8 28.45 -9.64 38.31
N LEU A 9 29.56 -8.97 38.00
CA LEU A 9 30.03 -8.98 36.62
C LEU A 9 31.33 -9.76 36.48
N PRO A 10 31.54 -10.38 35.33
CA PRO A 10 32.89 -10.88 35.00
C PRO A 10 33.82 -9.70 34.75
N SER A 11 35.11 -9.98 34.80
CA SER A 11 36.11 -8.98 34.45
C SER A 11 35.99 -8.60 32.96
N CYS A 12 36.47 -7.40 32.64
CA CYS A 12 36.53 -6.98 31.25
C CYS A 12 37.40 -7.92 30.44
N LYS A 13 36.93 -8.31 29.27
CA LYS A 13 37.70 -9.09 28.31
C LYS A 13 38.04 -8.25 27.09
N LYS A 14 39.05 -8.69 26.35
CA LYS A 14 39.41 -8.00 25.12
C LYS A 14 38.31 -8.17 24.07
N LYS A 15 38.11 -7.14 23.27
CA LYS A 15 37.15 -7.22 22.17
C LYS A 15 37.69 -8.10 21.05
N ALA A 16 36.77 -8.74 20.33
CA ALA A 16 37.12 -9.39 19.08
C ALA A 16 37.55 -8.34 18.06
N PRO A 17 38.32 -8.73 17.05
CA PRO A 17 38.73 -7.76 16.02
C PRO A 17 37.52 -7.13 15.35
N ALA A 18 37.63 -5.83 15.05
CA ALA A 18 36.46 -5.08 14.59
C ALA A 18 35.88 -5.64 13.29
N GLU A 19 36.70 -6.29 12.47
CA GLU A 19 36.23 -6.81 11.19
C GLU A 19 35.66 -8.22 11.30
N THR A 20 35.62 -8.80 12.51
CA THR A 20 35.13 -10.15 12.69
C THR A 20 33.68 -10.26 12.22
N PRO A 21 33.32 -11.28 11.44
CA PRO A 21 31.93 -11.47 11.06
C PRO A 21 31.05 -11.67 12.30
N VAL A 22 29.86 -11.08 12.25
CA VAL A 22 28.94 -11.09 13.39
C VAL A 22 28.28 -12.46 13.50
N LYS A 23 28.29 -13.03 14.71
CA LYS A 23 27.59 -14.28 14.98
C LYS A 23 26.32 -14.11 15.80
N GLU A 24 26.29 -13.22 16.80
CA GLU A 24 25.05 -12.96 17.51
C GLU A 24 24.86 -11.47 17.74
N ARG A 25 23.59 -11.08 17.83
CA ARG A 25 23.17 -9.69 17.91
C ARG A 25 22.19 -9.50 19.05
N LEU A 26 22.34 -8.40 19.78
CA LEU A 26 21.50 -8.09 20.92
C LEU A 26 20.92 -6.69 20.79
N PHE A 27 19.63 -6.57 21.11
CA PHE A 27 19.01 -5.30 21.43
C PHE A 27 19.22 -4.98 22.90
N ILE A 28 19.57 -3.73 23.17
CA ILE A 28 19.64 -3.18 24.52
C ILE A 28 18.66 -2.03 24.59
N VAL A 29 17.65 -2.14 25.45
CA VAL A 29 16.60 -1.14 25.55
C VAL A 29 16.70 -0.46 26.91
N PHE A 30 16.79 0.86 26.90
CA PHE A 30 17.09 1.66 28.07
C PHE A 30 15.83 2.34 28.58
N ASN A 31 15.63 2.30 29.89
CA ASN A 31 14.52 3.00 30.55
C ASN A 31 15.09 3.75 31.73
N PRO A 32 15.10 5.08 31.72
CA PRO A 32 14.45 6.00 30.78
C PRO A 32 15.34 6.63 29.72
N HIS A 33 16.66 6.50 29.76
CA HIS A 33 17.52 7.15 28.79
C HIS A 33 18.75 6.28 28.55
N PRO A 34 19.41 6.43 27.40
CA PRO A 34 20.57 5.58 27.11
C PRO A 34 21.78 5.97 27.98
N LEU A 35 22.69 5.02 28.09
CA LEU A 35 23.91 5.14 28.87
C LEU A 35 25.08 5.51 27.96
N PRO A 36 26.13 6.11 28.52
CA PRO A 36 27.28 6.51 27.68
C PRO A 36 27.97 5.32 27.04
N LEU A 37 28.60 5.58 25.88
CA LEU A 37 29.16 4.50 25.08
C LEU A 37 30.33 3.81 25.79
N ASP A 38 31.16 4.56 26.50
CA ASP A 38 32.29 3.93 27.19
C ASP A 38 31.80 2.98 28.27
N VAL A 39 30.74 3.36 28.99
CA VAL A 39 30.13 2.46 29.97
C VAL A 39 29.63 1.20 29.29
N LEU A 40 28.95 1.36 28.14
CA LEU A 40 28.38 0.20 27.46
C LEU A 40 29.47 -0.75 27.00
N GLU A 41 30.55 -0.21 26.44
CA GLU A 41 31.65 -1.08 26.00
C GLU A 41 32.28 -1.79 27.20
N ASP A 42 32.51 -1.06 28.29
CA ASP A 42 33.08 -1.68 29.48
C ASP A 42 32.19 -2.81 29.99
N ILE A 43 30.88 -2.58 30.01
CA ILE A 43 29.97 -3.60 30.56
C ILE A 43 29.89 -4.80 29.62
N PHE A 44 29.74 -4.56 28.33
CA PHE A 44 29.41 -5.65 27.42
C PHE A 44 30.63 -6.40 26.90
N CYS A 45 31.83 -5.83 27.02
CA CYS A 45 33.01 -6.63 26.70
C CYS A 45 33.26 -7.71 27.74
N ARG A 46 32.65 -7.61 28.92
CA ARG A 46 32.95 -8.52 30.03
C ARG A 46 32.56 -9.96 29.73
N PHE A 47 31.67 -10.18 28.76
CA PHE A 47 31.25 -11.53 28.43
C PHE A 47 32.08 -12.15 27.32
N GLY A 48 33.06 -11.42 26.81
CA GLY A 48 33.96 -11.92 25.79
C GLY A 48 33.38 -11.82 24.40
N ASN A 49 34.27 -11.73 23.42
CA ASN A 49 33.93 -11.81 22.00
C ASN A 49 33.05 -10.66 21.53
N LEU A 50 33.08 -9.53 22.22
CA LEU A 50 32.33 -8.37 21.79
C LEU A 50 32.97 -7.77 20.55
N ILE A 51 32.22 -7.71 19.45
CA ILE A 51 32.70 -6.95 18.31
C ILE A 51 32.46 -5.46 18.53
N GLU A 52 31.20 -5.09 18.77
CA GLU A 52 30.90 -3.67 18.90
C GLU A 52 29.60 -3.46 19.65
N VAL A 53 29.49 -2.32 20.33
CA VAL A 53 28.20 -1.85 20.83
C VAL A 53 28.02 -0.42 20.37
N TYR A 54 26.84 -0.10 19.84
CA TYR A 54 26.57 1.28 19.47
C TYR A 54 25.12 1.63 19.79
N LEU A 55 24.87 2.93 19.87
CA LEU A 55 23.52 3.44 20.08
C LEU A 55 22.89 3.80 18.75
N VAL A 56 21.58 3.61 18.67
CA VAL A 56 20.81 4.20 17.57
C VAL A 56 20.60 5.65 17.91
N SER A 57 21.05 6.55 17.03
CA SER A 57 21.19 7.96 17.36
C SER A 57 19.90 8.56 17.91
N GLY A 58 19.98 9.06 19.13
CA GLY A 58 18.88 9.79 19.75
C GLY A 58 17.71 8.93 20.15
N LYS A 59 17.92 7.63 20.33
CA LYS A 59 16.88 6.69 20.71
C LYS A 59 17.34 5.88 21.92
N ASN A 60 16.38 5.21 22.55
CA ASN A 60 16.63 4.39 23.73
C ASN A 60 16.99 2.95 23.37
N VAL A 61 17.63 2.75 22.22
CA VAL A 61 17.96 1.42 21.73
C VAL A 61 19.46 1.39 21.39
N GLY A 62 20.12 0.33 21.85
CA GLY A 62 21.49 0.05 21.48
C GLY A 62 21.58 -1.35 20.89
N TYR A 63 22.73 -1.63 20.31
CA TYR A 63 22.92 -2.82 19.48
C TYR A 63 24.30 -3.38 19.80
N ALA A 64 24.34 -4.67 20.15
CA ALA A 64 25.56 -5.35 20.55
C ALA A 64 25.85 -6.48 19.56
N LYS A 65 26.99 -6.42 18.89
CA LYS A 65 27.46 -7.43 17.97
C LYS A 65 28.55 -8.25 18.65
N TYR A 66 28.32 -9.56 18.73
CA TYR A 66 29.21 -10.52 19.36
C TYR A 66 29.69 -11.54 18.34
N ALA A 67 30.94 -11.96 18.51
CA ALA A 67 31.56 -13.00 17.69
C ALA A 67 31.26 -14.40 18.20
N ASP A 68 30.50 -14.54 19.27
CA ASP A 68 30.24 -15.84 19.88
C ASP A 68 28.83 -15.86 20.46
N ARG A 69 28.09 -16.92 20.14
CA ARG A 69 26.70 -17.04 20.59
C ARG A 69 26.60 -17.16 22.10
N ILE A 70 27.48 -17.96 22.71
CA ILE A 70 27.42 -18.17 24.16
C ILE A 70 27.68 -16.87 24.91
N SER A 71 28.59 -16.04 24.40
CA SER A 71 28.87 -14.76 25.06
C SER A 71 27.64 -13.87 25.09
N ALA A 72 26.94 -13.75 23.97
CA ALA A 72 25.74 -12.92 23.90
C ALA A 72 24.64 -13.47 24.79
N ASN A 73 24.51 -14.79 24.84
CA ASN A 73 23.55 -15.40 25.75
C ASN A 73 23.91 -15.11 27.21
N ASP A 74 25.20 -15.11 27.53
CA ASP A 74 25.63 -14.73 28.88
C ASP A 74 25.27 -13.29 29.18
N ALA A 75 25.45 -12.40 28.21
CA ALA A 75 25.09 -11.00 28.42
C ALA A 75 23.59 -10.86 28.68
N ILE A 76 22.77 -11.63 27.95
CA ILE A 76 21.33 -11.64 28.20
C ILE A 76 21.03 -12.14 29.60
N ALA A 77 21.60 -13.29 29.97
CA ALA A 77 21.29 -13.89 31.26
C ALA A 77 21.71 -13.00 32.41
N THR A 78 22.82 -12.28 32.26
CA THR A 78 23.37 -11.47 33.33
C THR A 78 22.73 -10.09 33.42
N LEU A 79 22.40 -9.44 32.30
CA LEU A 79 22.01 -8.04 32.32
C LEU A 79 20.54 -7.76 32.12
N HIS A 80 19.77 -8.68 31.53
CA HIS A 80 18.37 -8.41 31.26
C HIS A 80 17.62 -8.15 32.55
N GLY A 81 16.96 -6.99 32.63
CA GLY A 81 16.17 -6.63 33.79
C GLY A 81 16.93 -5.95 34.91
N LYS A 82 18.25 -5.83 34.80
CA LYS A 82 19.05 -5.22 35.85
C LYS A 82 19.17 -3.71 35.64
N ILE A 83 19.62 -3.02 36.67
CA ILE A 83 19.77 -1.57 36.66
C ILE A 83 21.25 -1.25 36.55
N LEU A 84 21.58 -0.28 35.69
CA LEU A 84 22.96 0.17 35.53
C LEU A 84 22.97 1.68 35.47
N ASN A 85 23.68 2.30 36.41
CA ASN A 85 23.80 3.76 36.48
C ASN A 85 22.45 4.45 36.42
N GLY A 86 21.50 3.92 37.18
CA GLY A 86 20.17 4.49 37.29
C GLY A 86 19.23 4.16 36.16
N VAL A 87 19.63 3.28 35.24
CA VAL A 87 18.85 2.96 34.05
C VAL A 87 18.52 1.48 34.05
N ARG A 88 17.25 1.17 33.81
CA ARG A 88 16.81 -0.21 33.69
C ARG A 88 17.05 -0.72 32.27
N LEU A 89 17.53 -1.96 32.17
CA LEU A 89 17.96 -2.54 30.90
C LEU A 89 17.09 -3.71 30.52
N LYS A 90 16.75 -3.78 29.23
CA LYS A 90 16.28 -4.99 28.59
C LYS A 90 17.33 -5.44 27.59
N VAL A 91 17.81 -6.67 27.70
CA VAL A 91 18.79 -7.23 26.79
C VAL A 91 18.18 -8.46 26.15
N MET A 92 18.14 -8.49 24.82
CA MET A 92 17.42 -9.57 24.15
C MET A 92 18.05 -9.87 22.80
N LEU A 93 17.82 -11.09 22.32
CA LEU A 93 18.24 -11.46 20.97
C LEU A 93 17.53 -10.59 19.95
N ALA A 94 18.31 -9.98 19.04
CA ALA A 94 17.72 -9.10 18.05
C ALA A 94 16.76 -9.84 17.12
N ASP A 95 17.14 -11.05 16.71
CA ASP A 95 16.34 -11.78 15.72
C ASP A 95 15.10 -12.44 16.31
N SER A 96 15.03 -12.58 17.64
CA SER A 96 13.81 -13.05 18.30
C SER A 96 13.70 -12.32 19.64
N PRO A 97 13.14 -11.13 19.66
CA PRO A 97 12.99 -10.39 20.91
C PRO A 97 11.86 -10.97 21.77
N ARG A 98 12.03 -10.85 23.08
CA ARG A 98 11.04 -11.36 24.02
C ARG A 98 9.96 -10.31 24.30
N MET B 1 2.81 21.11 -3.59
CA MET B 1 2.21 19.82 -3.29
C MET B 1 2.56 19.37 -1.88
N GLN B 2 1.52 19.06 -1.08
CA GLN B 2 1.71 18.59 0.30
C GLN B 2 2.00 17.08 0.29
N ILE B 3 3.15 16.75 -0.30
CA ILE B 3 3.53 15.36 -0.52
C ILE B 3 3.64 14.63 0.81
N GLN B 4 2.91 13.51 0.92
CA GLN B 4 3.04 12.57 2.03
C GLN B 4 3.91 11.38 1.67
N THR B 5 3.94 10.99 0.40
CA THR B 5 4.74 9.87 -0.09
C THR B 5 5.36 10.26 -1.42
N ASP B 6 6.68 10.11 -1.53
CA ASP B 6 7.42 10.50 -2.74
C ASP B 6 8.42 9.41 -3.13
N VAL B 7 7.94 8.19 -3.30
CA VAL B 7 8.82 7.04 -3.50
C VAL B 7 8.46 6.30 -4.79
N VAL B 8 9.42 5.55 -5.30
CA VAL B 8 9.21 4.62 -6.41
C VAL B 8 9.43 3.20 -5.88
N LEU B 9 8.33 2.46 -5.71
CA LEU B 9 8.32 1.17 -5.04
C LEU B 9 7.92 0.04 -5.98
N PRO B 10 8.42 -1.16 -5.75
CA PRO B 10 7.79 -2.35 -6.33
C PRO B 10 6.40 -2.57 -5.73
N SER B 11 5.63 -3.45 -6.36
CA SER B 11 4.36 -3.85 -5.79
C SER B 11 4.60 -4.80 -4.61
N CYS B 12 3.53 -5.08 -3.86
CA CYS B 12 3.63 -5.97 -2.71
C CYS B 12 4.06 -7.37 -3.13
N LYS B 13 4.97 -7.96 -2.36
CA LYS B 13 5.40 -9.35 -2.53
C LYS B 13 5.08 -10.15 -1.28
N LYS B 14 4.94 -11.45 -1.46
CA LYS B 14 4.71 -12.34 -0.33
C LYS B 14 5.92 -12.37 0.59
N LYS B 15 5.66 -12.55 1.88
CA LYS B 15 6.75 -12.72 2.83
C LYS B 15 7.45 -14.06 2.62
N ALA B 16 8.72 -14.12 3.01
CA ALA B 16 9.38 -15.40 3.12
C ALA B 16 8.76 -16.20 4.27
N PRO B 17 8.85 -17.52 4.24
CA PRO B 17 8.37 -18.32 5.38
C PRO B 17 9.10 -17.90 6.65
N ALA B 18 8.36 -17.91 7.77
CA ALA B 18 8.83 -17.32 9.02
C ALA B 18 10.08 -18.00 9.57
N GLU B 19 10.36 -19.24 9.17
CA GLU B 19 11.52 -19.97 9.65
C GLU B 19 12.70 -19.88 8.69
N THR B 20 12.59 -19.07 7.64
CA THR B 20 13.68 -18.94 6.71
C THR B 20 14.89 -18.33 7.40
N PRO B 21 16.09 -18.83 7.15
CA PRO B 21 17.29 -18.24 7.78
C PRO B 21 17.47 -16.78 7.36
N VAL B 22 17.87 -15.97 8.33
CA VAL B 22 18.02 -14.53 8.12
C VAL B 22 19.34 -14.26 7.42
N LYS B 23 19.29 -13.54 6.30
CA LYS B 23 20.51 -13.15 5.60
C LYS B 23 20.89 -11.70 5.85
N GLU B 24 19.93 -10.77 5.91
CA GLU B 24 20.29 -9.37 6.14
C GLU B 24 19.31 -8.73 7.10
N ARG B 25 19.80 -7.71 7.81
CA ARG B 25 19.04 -7.03 8.86
C ARG B 25 19.13 -5.52 8.69
N LEU B 26 17.99 -4.84 8.86
CA LEU B 26 17.88 -3.40 8.68
C LEU B 26 17.34 -2.74 9.93
N PHE B 27 17.91 -1.59 10.27
CA PHE B 27 17.39 -0.66 11.26
C PHE B 27 16.62 0.46 10.56
N ILE B 28 15.49 0.85 11.16
CA ILE B 28 14.60 1.86 10.59
C ILE B 28 14.32 2.90 11.67
N VAL B 29 14.50 4.17 11.33
CA VAL B 29 14.27 5.28 12.27
C VAL B 29 13.29 6.25 11.64
N PHE B 30 12.40 6.81 12.46
CA PHE B 30 11.22 7.55 12.00
C PHE B 30 11.25 8.99 12.49
N ASN B 31 10.94 9.92 11.59
CA ASN B 31 10.80 11.34 11.93
C ASN B 31 9.50 11.84 11.32
N PRO B 32 8.52 12.29 12.11
CA PRO B 32 8.56 12.55 13.56
C PRO B 32 7.93 11.47 14.44
N HIS B 33 7.30 10.46 13.87
CA HIS B 33 6.67 9.42 14.69
C HIS B 33 6.74 8.12 13.92
N PRO B 34 6.71 6.98 14.61
CA PRO B 34 6.78 5.70 13.89
C PRO B 34 5.54 5.45 13.05
N LEU B 35 5.73 4.67 11.98
CA LEU B 35 4.63 4.19 11.17
C LEU B 35 3.97 2.97 11.81
N PRO B 36 2.68 2.75 11.56
CA PRO B 36 2.02 1.55 12.08
C PRO B 36 2.60 0.28 11.45
N LEU B 37 2.43 -0.83 12.17
CA LEU B 37 3.07 -2.07 11.77
C LEU B 37 2.60 -2.55 10.42
N ASP B 38 1.29 -2.44 10.15
CA ASP B 38 0.76 -2.94 8.87
C ASP B 38 1.33 -2.14 7.70
N VAL B 39 1.46 -0.82 7.85
CA VAL B 39 2.08 -0.01 6.82
C VAL B 39 3.56 -0.36 6.68
N LEU B 40 4.24 -0.66 7.79
CA LEU B 40 5.64 -1.04 7.73
C LEU B 40 5.83 -2.32 6.93
N GLU B 41 5.01 -3.34 7.22
CA GLU B 41 5.10 -4.59 6.46
C GLU B 41 4.75 -4.36 5.00
N ASP B 42 3.72 -3.54 4.73
CA ASP B 42 3.35 -3.19 3.37
C ASP B 42 4.54 -2.60 2.62
N ILE B 43 5.25 -1.66 3.25
CA ILE B 43 6.37 -1.01 2.59
C ILE B 43 7.51 -1.98 2.37
N PHE B 44 7.89 -2.74 3.40
CA PHE B 44 9.13 -3.50 3.32
C PHE B 44 8.98 -4.87 2.68
N CYS B 45 7.76 -5.38 2.51
CA CYS B 45 7.59 -6.63 1.78
C CYS B 45 7.76 -6.46 0.28
N ARG B 46 7.66 -5.22 -0.22
CA ARG B 46 7.69 -5.00 -1.66
C ARG B 46 9.03 -5.40 -2.28
N PHE B 47 10.08 -5.49 -1.48
CA PHE B 47 11.39 -5.80 -2.01
C PHE B 47 11.67 -7.30 -2.07
N GLY B 48 10.70 -8.12 -1.69
CA GLY B 48 10.86 -9.56 -1.70
C GLY B 48 11.69 -10.07 -0.53
N ASN B 49 11.46 -11.34 -0.20
CA ASN B 49 12.23 -12.08 0.80
C ASN B 49 12.12 -11.50 2.20
N LEU B 50 11.16 -10.62 2.46
CA LEU B 50 10.99 -10.08 3.80
C LEU B 50 10.54 -11.19 4.75
N ILE B 51 11.36 -11.48 5.75
CA ILE B 51 10.92 -12.40 6.79
C ILE B 51 10.04 -11.68 7.80
N GLU B 52 10.51 -10.55 8.34
CA GLU B 52 9.71 -9.92 9.39
C GLU B 52 10.12 -8.48 9.60
N VAL B 53 9.17 -7.64 10.03
CA VAL B 53 9.43 -6.27 10.45
C VAL B 53 8.71 -6.03 11.78
N TYR B 54 9.40 -5.42 12.73
CA TYR B 54 8.76 -5.06 13.98
C TYR B 54 9.44 -3.86 14.62
N LEU B 55 8.71 -3.19 15.50
CA LEU B 55 9.29 -2.15 16.33
C LEU B 55 9.99 -2.77 17.52
N VAL B 56 11.13 -2.19 17.90
CA VAL B 56 11.96 -2.72 18.97
C VAL B 56 11.34 -2.34 20.31
N SER B 57 10.78 -3.32 21.02
CA SER B 57 10.30 -3.16 22.40
C SER B 57 9.48 -1.88 22.58
N GLY B 58 8.50 -1.69 21.71
CA GLY B 58 7.62 -0.54 21.80
C GLY B 58 8.32 0.79 21.71
N LYS B 59 9.49 0.84 21.09
CA LYS B 59 10.19 2.10 20.86
C LYS B 59 9.98 2.52 19.40
N ASN B 60 10.57 3.67 19.06
CA ASN B 60 10.46 4.24 17.73
C ASN B 60 11.58 3.77 16.80
N VAL B 61 12.02 2.52 16.95
CA VAL B 61 13.02 1.92 16.07
C VAL B 61 12.42 0.66 15.48
N GLY B 62 12.52 0.52 14.16
CA GLY B 62 12.10 -0.68 13.48
C GLY B 62 13.27 -1.58 13.13
N TYR B 63 12.96 -2.85 12.92
CA TYR B 63 13.94 -3.87 12.62
C TYR B 63 13.33 -4.81 11.59
N ALA B 64 14.04 -4.99 10.49
CA ALA B 64 13.57 -5.78 9.35
C ALA B 64 14.56 -6.89 9.04
N LYS B 65 14.05 -8.11 8.98
CA LYS B 65 14.84 -9.30 8.68
C LYS B 65 14.47 -9.81 7.30
N TYR B 66 15.48 -9.96 6.44
CA TYR B 66 15.34 -10.38 5.04
C TYR B 66 16.09 -11.68 4.79
N ALA B 67 15.48 -12.53 3.97
CA ALA B 67 16.08 -13.79 3.53
C ALA B 67 17.07 -13.62 2.38
N ASP B 68 17.27 -12.40 1.88
CA ASP B 68 18.20 -12.14 0.79
C ASP B 68 18.80 -10.76 0.95
N ARG B 69 20.14 -10.66 0.80
CA ARG B 69 20.82 -9.38 1.01
C ARG B 69 20.44 -8.36 -0.05
N ILE B 70 20.18 -8.81 -1.28
CA ILE B 70 19.84 -7.89 -2.36
C ILE B 70 18.55 -7.14 -2.03
N SER B 71 17.55 -7.86 -1.51
CA SER B 71 16.30 -7.21 -1.16
C SER B 71 16.51 -6.15 -0.09
N ALA B 72 17.33 -6.44 0.93
CA ALA B 72 17.56 -5.47 1.98
C ALA B 72 18.28 -4.25 1.45
N ASN B 73 19.28 -4.45 0.60
CA ASN B 73 20.01 -3.30 0.06
C ASN B 73 19.13 -2.49 -0.90
N ASP B 74 18.22 -3.15 -1.61
CA ASP B 74 17.24 -2.43 -2.42
C ASP B 74 16.32 -1.60 -1.54
N ALA B 75 15.91 -2.15 -0.40
CA ALA B 75 15.09 -1.38 0.54
C ALA B 75 15.83 -0.14 1.03
N ILE B 76 17.12 -0.30 1.37
CA ILE B 76 17.93 0.85 1.77
C ILE B 76 17.98 1.89 0.65
N ALA B 77 18.30 1.44 -0.57
CA ALA B 77 18.46 2.37 -1.68
C ALA B 77 17.16 3.09 -2.00
N THR B 78 16.04 2.37 -1.97
CA THR B 78 14.76 2.95 -2.36
C THR B 78 14.17 3.84 -1.27
N LEU B 79 14.38 3.52 0.01
CA LEU B 79 13.61 4.15 1.09
C LEU B 79 14.40 5.13 1.94
N HIS B 80 15.72 5.01 2.02
CA HIS B 80 16.48 5.82 2.96
C HIS B 80 16.37 7.30 2.58
N GLY B 81 15.95 8.13 3.52
CA GLY B 81 15.75 9.54 3.29
C GLY B 81 14.41 9.91 2.70
N LYS B 82 13.58 8.94 2.36
CA LYS B 82 12.31 9.21 1.69
C LYS B 82 11.20 9.43 2.71
N ILE B 83 10.07 9.95 2.24
CA ILE B 83 8.92 10.23 3.07
C ILE B 83 7.77 9.32 2.63
N LEU B 84 7.20 8.58 3.58
CA LEU B 84 6.09 7.67 3.32
C LEU B 84 5.04 7.91 4.39
N ASN B 85 3.81 8.24 3.95
CA ASN B 85 2.70 8.55 4.84
C ASN B 85 3.06 9.67 5.81
N GLY B 86 3.86 10.62 5.32
CA GLY B 86 4.24 11.79 6.10
C GLY B 86 5.40 11.58 7.04
N VAL B 87 6.00 10.39 7.07
CA VAL B 87 7.10 10.07 7.97
C VAL B 87 8.37 9.91 7.15
N ARG B 88 9.41 10.64 7.54
CA ARG B 88 10.73 10.46 6.94
C ARG B 88 11.42 9.26 7.58
N LEU B 89 11.88 8.36 6.73
CA LEU B 89 12.60 7.17 7.15
C LEU B 89 14.09 7.36 7.02
N LYS B 90 14.83 6.77 7.96
CA LYS B 90 16.23 6.46 7.78
C LYS B 90 16.36 4.95 7.86
N VAL B 91 16.95 4.35 6.84
CA VAL B 91 17.05 2.89 6.72
C VAL B 91 18.53 2.55 6.57
N MET B 92 19.01 1.61 7.38
CA MET B 92 20.43 1.31 7.38
C MET B 92 20.68 -0.16 7.71
N LEU B 93 21.87 -0.63 7.39
CA LEU B 93 22.26 -1.99 7.76
C LEU B 93 22.51 -2.05 9.25
N ALA B 94 21.93 -3.05 9.92
CA ALA B 94 22.06 -3.13 11.37
C ALA B 94 23.50 -3.43 11.77
N ASP B 95 24.16 -4.33 11.05
CA ASP B 95 25.53 -4.72 11.37
C ASP B 95 26.59 -3.72 10.88
N SER B 96 26.22 -2.79 10.00
CA SER B 96 27.15 -1.77 9.51
C SER B 96 26.39 -0.47 9.30
N PRO B 97 26.15 0.29 10.37
CA PRO B 97 25.36 1.53 10.23
C PRO B 97 25.98 2.57 9.31
N ARG B 98 27.21 2.36 8.84
CA ARG B 98 27.88 3.28 7.91
C ARG B 98 28.65 2.50 6.84
N MET C 1 7.09 0.90 -9.83
CA MET C 1 5.84 1.64 -9.70
C MET C 1 6.04 2.90 -8.87
N GLN C 2 5.49 4.02 -9.32
CA GLN C 2 5.61 5.28 -8.60
C GLN C 2 4.43 5.46 -7.65
N ILE C 3 4.71 6.01 -6.47
CA ILE C 3 3.68 6.44 -5.53
C ILE C 3 4.08 7.83 -5.07
N GLN C 4 3.47 8.85 -5.64
CA GLN C 4 3.65 10.24 -5.24
C GLN C 4 2.27 10.84 -5.01
N THR C 5 1.96 11.18 -3.77
CA THR C 5 0.62 11.61 -3.43
C THR C 5 0.66 12.51 -2.21
N ASP C 6 -0.43 13.25 -2.00
CA ASP C 6 -0.58 14.20 -0.91
C ASP C 6 -1.57 13.74 0.15
N VAL C 7 -1.86 12.44 0.19
CA VAL C 7 -2.84 11.90 1.13
C VAL C 7 -2.20 10.76 1.89
N VAL C 8 -2.69 10.51 3.10
CA VAL C 8 -2.24 9.39 3.91
C VAL C 8 -3.14 8.19 3.60
N LEU C 9 -2.50 7.07 3.25
CA LEU C 9 -3.15 5.87 2.74
C LEU C 9 -3.08 4.74 3.74
N PRO C 10 -4.12 3.90 3.81
CA PRO C 10 -4.00 2.64 4.55
C PRO C 10 -3.10 1.69 3.79
N SER C 11 -2.67 0.63 4.48
CA SER C 11 -1.85 -0.37 3.81
C SER C 11 -2.71 -1.17 2.83
N CYS C 12 -2.04 -1.77 1.84
CA CYS C 12 -2.73 -2.61 0.88
C CYS C 12 -3.40 -3.79 1.57
N LYS C 13 -4.66 -4.03 1.21
CA LYS C 13 -5.43 -5.16 1.73
C LYS C 13 -5.62 -6.19 0.62
N LYS C 14 -6.11 -7.37 1.02
CA LYS C 14 -6.36 -8.42 0.04
C LYS C 14 -7.64 -8.14 -0.72
N LYS C 15 -7.65 -8.47 -2.01
CA LYS C 15 -8.86 -8.37 -2.80
C LYS C 15 -9.86 -9.43 -2.35
N ALA C 16 -11.14 -9.08 -2.42
CA ALA C 16 -12.19 -10.04 -2.10
C ALA C 16 -12.24 -11.14 -3.17
N PRO C 17 -12.83 -12.29 -2.83
CA PRO C 17 -12.94 -13.36 -3.83
C PRO C 17 -13.71 -12.90 -5.07
N ALA C 18 -13.31 -13.43 -6.23
CA ALA C 18 -13.77 -12.90 -7.50
C ALA C 18 -15.29 -13.02 -7.70
N GLU C 19 -15.96 -13.88 -6.94
CA GLU C 19 -17.40 -14.05 -7.06
C GLU C 19 -18.17 -13.34 -5.95
N THR C 20 -17.52 -12.47 -5.21
CA THR C 20 -18.22 -11.78 -4.14
C THR C 20 -19.25 -10.82 -4.73
N PRO C 21 -20.46 -10.76 -4.15
CA PRO C 21 -21.47 -9.83 -4.66
C PRO C 21 -20.96 -8.40 -4.60
N VAL C 22 -21.23 -7.65 -5.67
CA VAL C 22 -20.82 -6.25 -5.72
C VAL C 22 -21.80 -5.44 -4.90
N LYS C 23 -21.27 -4.68 -3.93
CA LYS C 23 -22.09 -3.81 -3.10
C LYS C 23 -21.97 -2.34 -3.44
N GLU C 24 -20.83 -1.90 -3.97
CA GLU C 24 -20.74 -0.52 -4.43
C GLU C 24 -19.84 -0.43 -5.64
N ARG C 25 -20.15 0.53 -6.51
CA ARG C 25 -19.39 0.78 -7.71
C ARG C 25 -18.96 2.24 -7.75
N LEU C 26 -17.70 2.45 -8.13
CA LEU C 26 -17.08 3.77 -8.15
C LEU C 26 -16.60 4.11 -9.54
N PHE C 27 -16.88 5.35 -9.95
CA PHE C 27 -16.23 6.01 -11.07
C PHE C 27 -14.96 6.71 -10.60
N ILE C 28 -13.91 6.61 -11.42
CA ILE C 28 -12.65 7.30 -11.23
C ILE C 28 -12.37 8.12 -12.48
N VAL C 29 -12.24 9.44 -12.33
CA VAL C 29 -11.98 10.33 -13.45
C VAL C 29 -10.58 10.91 -13.30
N PHE C 30 -9.78 10.79 -14.36
CA PHE C 30 -8.39 11.22 -14.37
C PHE C 30 -8.24 12.51 -15.16
N ASN C 31 -7.55 13.49 -14.59
CA ASN C 31 -7.18 14.70 -15.32
C ASN C 31 -5.70 14.96 -15.04
N PRO C 32 -4.84 15.01 -16.07
CA PRO C 32 -5.12 14.99 -17.52
C PRO C 32 -4.95 13.64 -18.22
N HIS C 33 -4.57 12.55 -17.56
CA HIS C 33 -4.35 11.28 -18.22
C HIS C 33 -4.51 10.16 -17.21
N PRO C 34 -4.80 8.94 -17.66
CA PRO C 34 -5.04 7.84 -16.72
C PRO C 34 -3.75 7.34 -16.10
N LEU C 35 -3.91 6.59 -15.01
CA LEU C 35 -2.87 5.97 -14.22
C LEU C 35 -2.72 4.51 -14.62
N PRO C 36 -1.50 3.97 -14.49
CA PRO C 36 -1.28 2.56 -14.81
C PRO C 36 -2.15 1.65 -13.96
N LEU C 37 -2.46 0.47 -14.50
CA LEU C 37 -3.36 -0.43 -13.79
C LEU C 37 -2.76 -0.93 -12.48
N ASP C 38 -1.44 -1.14 -12.44
CA ASP C 38 -0.83 -1.63 -11.20
C ASP C 38 -0.92 -0.59 -10.10
N VAL C 39 -0.69 0.68 -10.43
CA VAL C 39 -0.89 1.76 -9.47
C VAL C 39 -2.35 1.79 -9.02
N LEU C 40 -3.28 1.52 -9.93
CA LEU C 40 -4.70 1.56 -9.59
C LEU C 40 -5.06 0.43 -8.62
N GLU C 41 -4.62 -0.78 -8.91
CA GLU C 41 -4.91 -1.90 -8.02
C GLU C 41 -4.28 -1.70 -6.67
N ASP C 42 -3.02 -1.25 -6.65
CA ASP C 42 -2.31 -1.00 -5.40
C ASP C 42 -3.02 0.07 -4.57
N ILE C 43 -3.48 1.15 -5.22
CA ILE C 43 -4.13 2.21 -4.48
C ILE C 43 -5.49 1.75 -3.97
N PHE C 44 -6.33 1.20 -4.85
CA PHE C 44 -7.71 0.97 -4.48
C PHE C 44 -7.94 -0.30 -3.66
N CYS C 45 -6.96 -1.21 -3.58
CA CYS C 45 -7.14 -2.32 -2.66
C CYS C 45 -6.97 -1.90 -1.21
N ARG C 46 -6.37 -0.74 -0.95
CA ARG C 46 -6.01 -0.34 0.41
C ARG C 46 -7.22 -0.10 1.30
N PHE C 47 -8.41 0.06 0.72
CA PHE C 47 -9.60 0.31 1.51
C PHE C 47 -10.36 -0.96 1.84
N GLY C 48 -9.87 -2.10 1.38
CA GLY C 48 -10.50 -3.39 1.67
C GLY C 48 -11.66 -3.71 0.77
N ASN C 49 -11.90 -5.00 0.54
CA ASN C 49 -13.09 -5.50 -0.16
C ASN C 49 -13.13 -5.04 -1.62
N LEU C 50 -11.97 -4.72 -2.18
CA LEU C 50 -11.92 -4.39 -3.60
C LEU C 50 -12.11 -5.66 -4.42
N ILE C 51 -13.19 -5.71 -5.20
CA ILE C 51 -13.36 -6.82 -6.13
C ILE C 51 -12.53 -6.59 -7.38
N GLU C 52 -12.64 -5.41 -7.99
CA GLU C 52 -11.88 -5.21 -9.22
C GLU C 52 -11.79 -3.73 -9.56
N VAL C 53 -10.73 -3.35 -10.26
CA VAL C 53 -10.56 -2.00 -10.76
C VAL C 53 -9.93 -2.07 -12.15
N TYR C 54 -10.43 -1.25 -13.07
CA TYR C 54 -9.87 -1.24 -14.43
C TYR C 54 -10.20 0.06 -15.14
N LEU C 55 -9.57 0.24 -16.29
CA LEU C 55 -9.73 1.43 -17.13
C LEU C 55 -10.74 1.16 -18.23
N VAL C 56 -11.61 2.14 -18.47
CA VAL C 56 -12.64 2.06 -19.50
C VAL C 56 -12.01 2.43 -20.85
N SER C 57 -11.76 1.42 -21.70
CA SER C 57 -11.03 1.64 -22.94
C SER C 57 -9.74 2.42 -22.67
N GLY C 58 -9.36 3.29 -23.59
CA GLY C 58 -8.20 4.11 -23.38
C GLY C 58 -8.58 5.52 -22.97
N LYS C 59 -9.69 5.65 -22.25
CA LYS C 59 -10.19 6.96 -21.87
C LYS C 59 -9.69 7.33 -20.49
N ASN C 60 -10.09 8.53 -20.03
CA ASN C 60 -9.70 9.04 -18.73
C ASN C 60 -10.66 8.60 -17.63
N VAL C 61 -11.27 7.43 -17.79
CA VAL C 61 -12.26 6.92 -16.83
C VAL C 61 -11.87 5.50 -16.44
N GLY C 62 -11.86 5.25 -15.13
CA GLY C 62 -11.73 3.92 -14.58
C GLY C 62 -12.92 3.60 -13.69
N TYR C 63 -12.94 2.36 -13.22
CA TYR C 63 -14.12 1.77 -12.61
C TYR C 63 -13.68 0.77 -11.54
N ALA C 64 -14.35 0.84 -10.38
CA ALA C 64 -13.98 0.03 -9.24
C ALA C 64 -15.21 -0.62 -8.61
N LYS C 65 -15.19 -1.93 -8.48
CA LYS C 65 -16.24 -2.69 -7.81
C LYS C 65 -15.75 -3.15 -6.45
N TYR C 66 -16.54 -2.84 -5.42
CA TYR C 66 -16.27 -3.13 -4.01
C TYR C 66 -17.36 -4.02 -3.42
N ALA C 67 -16.93 -4.96 -2.59
CA ALA C 67 -17.79 -5.89 -1.88
C ALA C 67 -18.45 -5.28 -0.65
N ASP C 68 -18.14 -4.03 -0.33
CA ASP C 68 -18.63 -3.41 0.90
C ASP C 68 -18.82 -1.92 0.66
N ARG C 69 -19.96 -1.39 1.13
CA ARG C 69 -20.25 0.02 0.93
C ARG C 69 -19.25 0.91 1.67
N ILE C 70 -18.89 0.54 2.89
CA ILE C 70 -18.02 1.39 3.71
C ILE C 70 -16.66 1.52 3.06
N SER C 71 -16.14 0.45 2.47
CA SER C 71 -14.84 0.50 1.81
C SER C 71 -14.86 1.48 0.64
N ALA C 72 -15.88 1.41 -0.21
CA ALA C 72 -15.97 2.31 -1.34
C ALA C 72 -16.15 3.75 -0.88
N ASN C 73 -16.94 3.96 0.17
CA ASN C 73 -17.10 5.30 0.71
C ASN C 73 -15.77 5.83 1.24
N ASP C 74 -14.96 4.96 1.85
CA ASP C 74 -13.62 5.36 2.30
C ASP C 74 -12.75 5.76 1.12
N ALA C 75 -12.83 5.00 0.03
CA ALA C 75 -12.07 5.38 -1.17
C ALA C 75 -12.49 6.76 -1.66
N ILE C 76 -13.80 7.03 -1.65
CA ILE C 76 -14.30 8.34 -2.05
C ILE C 76 -13.75 9.42 -1.13
N ALA C 77 -13.88 9.22 0.18
CA ALA C 77 -13.48 10.25 1.14
C ALA C 77 -11.99 10.52 1.07
N THR C 78 -11.19 9.46 0.89
CA THR C 78 -9.74 9.61 0.91
C THR C 78 -9.21 10.21 -0.39
N LEU C 79 -9.76 9.80 -1.54
CA LEU C 79 -9.08 10.06 -2.80
C LEU C 79 -9.74 11.11 -3.68
N HIS C 80 -10.99 11.48 -3.42
CA HIS C 80 -11.66 12.43 -4.31
C HIS C 80 -11.00 13.80 -4.22
N GLY C 81 -10.59 14.33 -5.36
CA GLY C 81 -9.99 15.64 -5.44
C GLY C 81 -8.51 15.70 -5.15
N LYS C 82 -7.87 14.56 -4.89
CA LYS C 82 -6.46 14.50 -4.55
C LYS C 82 -5.61 14.21 -5.77
N ILE C 83 -4.29 14.29 -5.59
CA ILE C 83 -3.31 14.18 -6.66
C ILE C 83 -2.46 12.96 -6.42
N LEU C 84 -2.29 12.14 -7.45
CA LEU C 84 -1.44 10.96 -7.38
C LEU C 84 -0.68 10.82 -8.70
N ASN C 85 0.65 10.90 -8.62
CA ASN C 85 1.51 10.76 -9.79
C ASN C 85 1.17 11.79 -10.87
N GLY C 86 0.97 13.03 -10.46
CA GLY C 86 0.68 14.09 -11.40
C GLY C 86 -0.71 14.10 -11.98
N VAL C 87 -1.61 13.26 -11.46
CA VAL C 87 -2.97 13.14 -11.96
C VAL C 87 -3.93 13.52 -10.85
N ARG C 88 -4.86 14.40 -11.16
CA ARG C 88 -5.95 14.76 -10.27
C ARG C 88 -7.10 13.76 -10.46
N LEU C 89 -7.56 13.20 -9.35
CA LEU C 89 -8.59 12.16 -9.35
C LEU C 89 -9.91 12.72 -8.90
N LYS C 90 -10.98 12.33 -9.59
CA LYS C 90 -12.33 12.43 -9.07
C LYS C 90 -12.81 11.02 -8.77
N VAL C 91 -13.39 10.80 -7.59
CA VAL C 91 -13.89 9.49 -7.20
C VAL C 91 -15.33 9.66 -6.74
N MET C 92 -16.25 8.95 -7.39
CA MET C 92 -17.66 9.19 -7.12
C MET C 92 -18.44 7.88 -7.24
N LEU C 93 -19.63 7.88 -6.65
CA LEU C 93 -20.52 6.72 -6.77
C LEU C 93 -21.00 6.58 -8.21
N ALA C 94 -20.89 5.37 -8.75
CA ALA C 94 -21.23 5.15 -10.16
C ALA C 94 -22.70 5.42 -10.44
N ASP C 95 -23.59 4.93 -9.58
CA ASP C 95 -25.02 5.06 -9.81
C ASP C 95 -25.58 6.41 -9.42
N SER C 96 -24.79 7.24 -8.74
CA SER C 96 -25.23 8.56 -8.28
C SER C 96 -24.02 9.49 -8.24
N PRO C 97 -23.56 9.95 -9.42
CA PRO C 97 -22.39 10.84 -9.46
C PRO C 97 -22.73 12.21 -8.87
N ARG C 98 -23.87 12.75 -9.29
CA ARG C 98 -24.39 14.00 -8.73
C ARG C 98 -25.75 13.75 -8.09
N MET D 1 -21.12 7.34 -49.93
CA MET D 1 -22.20 7.70 -49.02
C MET D 1 -21.67 8.04 -47.63
N GLN D 2 -22.09 9.20 -47.10
CA GLN D 2 -21.67 9.67 -45.78
C GLN D 2 -22.66 9.17 -44.73
N ILE D 3 -22.61 7.86 -44.49
CA ILE D 3 -23.51 7.25 -43.52
C ILE D 3 -23.25 7.83 -42.14
N GLN D 4 -24.28 8.40 -41.53
CA GLN D 4 -24.24 8.88 -40.15
C GLN D 4 -24.76 7.84 -39.18
N THR D 5 -25.79 7.10 -39.58
CA THR D 5 -26.41 6.08 -38.76
C THR D 5 -26.64 4.84 -39.62
N ASP D 6 -26.33 3.66 -39.06
CA ASP D 6 -26.55 2.40 -39.75
C ASP D 6 -26.84 1.35 -38.69
N VAL D 7 -28.13 1.20 -38.34
CA VAL D 7 -28.56 0.35 -37.24
C VAL D 7 -29.94 -0.22 -37.54
N VAL D 8 -30.34 -1.20 -36.73
CA VAL D 8 -31.69 -1.75 -36.72
C VAL D 8 -32.15 -1.72 -35.26
N LEU D 9 -33.06 -0.81 -34.94
CA LEU D 9 -33.46 -0.53 -33.57
C LEU D 9 -34.95 -0.84 -33.35
N PRO D 10 -35.33 -1.14 -32.13
CA PRO D 10 -36.76 -1.13 -31.79
C PRO D 10 -37.29 0.30 -31.74
N SER D 11 -38.61 0.40 -31.66
CA SER D 11 -39.23 1.71 -31.46
C SER D 11 -38.90 2.22 -30.06
N CYS D 12 -39.06 3.53 -29.87
CA CYS D 12 -38.86 4.14 -28.56
C CYS D 12 -39.84 3.54 -27.54
N LYS D 13 -39.32 3.19 -26.38
CA LYS D 13 -40.14 2.69 -25.28
C LYS D 13 -39.98 3.61 -24.07
N LYS D 14 -40.91 3.49 -23.13
CA LYS D 14 -40.90 4.34 -21.95
C LYS D 14 -39.76 3.95 -21.02
N LYS D 15 -39.23 4.95 -20.30
CA LYS D 15 -38.25 4.69 -19.27
C LYS D 15 -38.90 3.95 -18.11
N ALA D 16 -38.08 3.18 -17.40
CA ALA D 16 -38.51 2.61 -16.14
C ALA D 16 -38.70 3.73 -15.12
N PRO D 17 -39.52 3.51 -14.10
CA PRO D 17 -39.61 4.48 -13.00
C PRO D 17 -38.24 4.70 -12.37
N ALA D 18 -37.97 5.95 -11.99
CA ALA D 18 -36.63 6.34 -11.56
C ALA D 18 -36.15 5.55 -10.35
N GLU D 19 -37.07 5.13 -9.49
CA GLU D 19 -36.71 4.40 -8.27
C GLU D 19 -36.62 2.89 -8.48
N THR D 20 -36.78 2.43 -9.72
CA THR D 20 -36.72 0.99 -9.99
C THR D 20 -35.32 0.48 -9.70
N PRO D 21 -35.17 -0.65 -8.99
CA PRO D 21 -33.84 -1.16 -8.69
C PRO D 21 -33.05 -1.46 -9.97
N VAL D 22 -31.78 -1.07 -9.96
CA VAL D 22 -30.90 -1.31 -11.09
C VAL D 22 -30.59 -2.80 -11.18
N LYS D 23 -30.75 -3.36 -12.37
CA LYS D 23 -30.38 -4.75 -12.63
C LYS D 23 -29.18 -4.89 -13.56
N GLU D 24 -28.96 -3.93 -14.47
CA GLU D 24 -27.76 -4.04 -15.29
C GLU D 24 -27.22 -2.65 -15.62
N ARG D 25 -25.92 -2.62 -15.89
CA ARG D 25 -25.17 -1.38 -16.11
C ARG D 25 -24.31 -1.52 -17.36
N LEU D 26 -24.29 -0.48 -18.17
CA LEU D 26 -23.54 -0.44 -19.40
C LEU D 26 -22.59 0.73 -19.40
N PHE D 27 -21.38 0.49 -19.92
CA PHE D 27 -20.48 1.52 -20.39
C PHE D 27 -20.72 1.79 -21.87
N ILE D 28 -20.64 3.07 -22.26
CA ILE D 28 -20.74 3.51 -23.64
C ILE D 28 -19.51 4.37 -23.92
N VAL D 29 -18.82 4.07 -25.01
CA VAL D 29 -17.62 4.81 -25.40
C VAL D 29 -17.87 5.45 -26.75
N PHE D 30 -17.59 6.74 -26.86
CA PHE D 30 -17.89 7.56 -28.03
C PHE D 30 -16.64 7.88 -28.81
N ASN D 31 -16.73 7.76 -30.14
CA ASN D 31 -15.66 8.14 -31.04
C ASN D 31 -16.27 8.95 -32.17
N PRO D 32 -15.93 10.24 -32.33
CA PRO D 32 -14.88 11.01 -31.64
C PRO D 32 -15.38 11.90 -30.50
N HIS D 33 -16.67 12.13 -30.39
CA HIS D 33 -17.23 12.99 -29.36
C HIS D 33 -18.51 12.34 -28.85
N PRO D 34 -18.96 12.70 -27.66
CA PRO D 34 -20.19 12.10 -27.13
C PRO D 34 -21.43 12.62 -27.89
N LEU D 35 -22.52 11.85 -27.75
CA LEU D 35 -23.81 12.26 -28.30
C LEU D 35 -24.55 13.13 -27.30
N PRO D 36 -25.43 14.01 -27.77
CA PRO D 36 -26.27 14.78 -26.86
C PRO D 36 -27.17 13.87 -26.02
N LEU D 37 -27.48 14.36 -24.81
CA LEU D 37 -28.21 13.53 -23.84
C LEU D 37 -29.58 13.11 -24.36
N ASP D 38 -30.29 14.00 -25.05
CA ASP D 38 -31.60 13.63 -25.60
C ASP D 38 -31.47 12.49 -26.61
N VAL D 39 -30.45 12.55 -27.46
CA VAL D 39 -30.23 11.48 -28.43
C VAL D 39 -29.84 10.19 -27.72
N LEU D 40 -29.07 10.29 -26.65
CA LEU D 40 -28.70 9.10 -25.89
C LEU D 40 -29.92 8.41 -25.30
N GLU D 41 -30.80 9.19 -24.65
CA GLU D 41 -32.02 8.60 -24.10
C GLU D 41 -32.87 8.01 -25.21
N ASP D 42 -32.97 8.72 -26.35
CA ASP D 42 -33.69 8.19 -27.51
C ASP D 42 -33.15 6.82 -27.90
N ILE D 43 -31.83 6.71 -28.04
CA ILE D 43 -31.23 5.47 -28.49
C ILE D 43 -31.47 4.36 -27.48
N PHE D 44 -31.22 4.64 -26.20
CA PHE D 44 -31.12 3.57 -25.21
C PHE D 44 -32.45 3.19 -24.57
N CYS D 45 -33.49 4.02 -24.69
CA CYS D 45 -34.79 3.61 -24.18
C CYS D 45 -35.46 2.56 -25.06
N ARG D 46 -35.03 2.43 -26.31
CA ARG D 46 -35.72 1.56 -27.27
C ARG D 46 -35.64 0.10 -26.88
N PHE D 47 -34.69 -0.28 -26.04
CA PHE D 47 -34.57 -1.66 -25.62
C PHE D 47 -35.39 -1.97 -24.38
N GLY D 48 -36.11 -0.97 -23.86
CA GLY D 48 -36.98 -1.16 -22.71
C GLY D 48 -36.26 -1.20 -21.39
N ASN D 49 -36.95 -0.78 -20.32
CA ASN D 49 -36.44 -0.87 -18.95
C ASN D 49 -35.21 -0.01 -18.73
N LEU D 50 -35.11 1.11 -19.44
CA LEU D 50 -34.03 2.06 -19.19
C LEU D 50 -34.40 2.89 -17.97
N ILE D 51 -33.55 2.87 -16.96
CA ILE D 51 -33.70 3.79 -15.85
C ILE D 51 -33.03 5.12 -16.14
N GLU D 52 -31.75 5.09 -16.51
CA GLU D 52 -31.08 6.37 -16.68
C GLU D 52 -29.84 6.20 -17.53
N VAL D 53 -29.49 7.26 -18.25
CA VAL D 53 -28.24 7.29 -19.00
C VAL D 53 -27.63 8.68 -18.85
N TYR D 54 -26.33 8.73 -18.61
CA TYR D 54 -25.67 10.03 -18.50
C TYR D 54 -24.22 9.91 -18.92
N LEU D 55 -23.60 11.06 -19.14
CA LEU D 55 -22.19 11.12 -19.46
C LEU D 55 -21.37 11.24 -18.18
N VAL D 56 -20.16 10.70 -18.23
CA VAL D 56 -19.26 10.73 -17.09
C VAL D 56 -18.37 11.96 -17.21
N SER D 57 -18.61 12.94 -16.35
CA SER D 57 -17.71 14.08 -16.13
C SER D 57 -17.15 14.67 -17.41
N GLY D 58 -18.03 14.87 -18.40
CA GLY D 58 -17.62 15.47 -19.65
C GLY D 58 -16.51 14.74 -20.37
N LYS D 59 -16.42 13.43 -20.18
CA LYS D 59 -15.48 12.60 -20.92
C LYS D 59 -16.22 11.91 -22.06
N ASN D 60 -15.50 11.08 -22.82
CA ASN D 60 -16.11 10.33 -23.91
C ASN D 60 -16.70 9.01 -23.44
N VAL D 61 -17.17 8.97 -22.20
CA VAL D 61 -17.75 7.78 -21.60
C VAL D 61 -19.14 8.12 -21.08
N GLY D 62 -20.12 7.29 -21.42
CA GLY D 62 -21.44 7.35 -20.87
C GLY D 62 -21.76 6.06 -20.13
N TYR D 63 -22.89 6.10 -19.43
CA TYR D 63 -23.22 5.06 -18.46
C TYR D 63 -24.73 4.92 -18.45
N ALA D 64 -25.21 3.69 -18.57
CA ALA D 64 -26.64 3.41 -18.66
C ALA D 64 -27.05 2.38 -17.63
N LYS D 65 -28.09 2.69 -16.88
CA LYS D 65 -28.67 1.78 -15.89
C LYS D 65 -30.02 1.30 -16.40
N TYR D 66 -30.18 -0.02 -16.45
CA TYR D 66 -31.36 -0.73 -16.90
C TYR D 66 -31.96 -1.55 -15.76
N ALA D 67 -33.28 -1.67 -15.78
CA ALA D 67 -34.04 -2.47 -14.84
C ALA D 67 -34.13 -3.94 -15.23
N ASP D 68 -33.45 -4.36 -16.29
CA ASP D 68 -33.58 -5.70 -16.83
C ASP D 68 -32.29 -6.08 -17.54
N ARG D 69 -31.73 -7.24 -17.20
CA ARG D 69 -30.45 -7.64 -17.80
C ARG D 69 -30.57 -7.89 -19.30
N ILE D 70 -31.70 -8.43 -19.74
CA ILE D 70 -31.87 -8.76 -21.16
C ILE D 70 -31.95 -7.49 -22.00
N SER D 71 -32.58 -6.44 -21.49
CA SER D 71 -32.62 -5.17 -22.22
C SER D 71 -31.23 -4.61 -22.44
N ALA D 72 -30.40 -4.64 -21.39
CA ALA D 72 -29.02 -4.17 -21.51
C ALA D 72 -28.24 -5.00 -22.52
N ASN D 73 -28.44 -6.33 -22.50
CA ASN D 73 -27.74 -7.18 -23.47
C ASN D 73 -28.23 -6.93 -24.89
N ASP D 74 -29.52 -6.62 -25.06
CA ASP D 74 -30.05 -6.21 -26.35
C ASP D 74 -29.36 -4.95 -26.83
N ALA D 75 -29.21 -3.96 -25.94
CA ALA D 75 -28.51 -2.74 -26.31
C ALA D 75 -27.08 -3.05 -26.75
N ILE D 76 -26.39 -3.93 -26.02
CA ILE D 76 -25.02 -4.28 -26.39
C ILE D 76 -24.99 -4.91 -27.78
N ALA D 77 -25.87 -5.88 -28.03
CA ALA D 77 -25.87 -6.56 -29.32
C ALA D 77 -26.18 -5.60 -30.45
N THR D 78 -27.14 -4.70 -30.24
CA THR D 78 -27.60 -3.83 -31.31
C THR D 78 -26.67 -2.66 -31.57
N LEU D 79 -25.95 -2.18 -30.56
CA LEU D 79 -25.25 -0.90 -30.69
C LEU D 79 -23.73 -1.00 -30.70
N HIS D 80 -23.15 -2.10 -30.24
CA HIS D 80 -21.71 -2.16 -30.11
C HIS D 80 -21.05 -2.24 -31.49
N GLY D 81 -20.17 -1.29 -31.77
CA GLY D 81 -19.53 -1.20 -33.07
C GLY D 81 -20.30 -0.43 -34.11
N LYS D 82 -21.49 0.05 -33.78
CA LYS D 82 -22.32 0.77 -34.74
C LYS D 82 -22.04 2.26 -34.69
N ILE D 83 -22.42 2.94 -35.77
CA ILE D 83 -22.34 4.40 -35.84
C ILE D 83 -23.76 4.94 -35.75
N LEU D 84 -23.92 6.01 -34.97
CA LEU D 84 -25.19 6.71 -34.82
C LEU D 84 -24.92 8.19 -34.76
N ASN D 85 -25.56 8.95 -35.66
CA ASN D 85 -25.39 10.41 -35.76
C ASN D 85 -23.93 10.79 -35.88
N GLY D 86 -23.20 10.01 -36.68
CA GLY D 86 -21.80 10.28 -36.93
C GLY D 86 -20.86 9.90 -35.81
N VAL D 87 -21.33 9.21 -34.79
CA VAL D 87 -20.52 8.80 -33.66
C VAL D 87 -20.50 7.28 -33.59
N ARG D 88 -19.30 6.71 -33.54
CA ARG D 88 -19.14 5.27 -33.37
C ARG D 88 -19.15 4.93 -31.88
N LEU D 89 -19.83 3.84 -31.55
CA LEU D 89 -20.08 3.45 -30.18
C LEU D 89 -19.36 2.15 -29.84
N LYS D 90 -18.94 2.06 -28.59
CA LYS D 90 -18.68 0.77 -27.95
C LYS D 90 -19.62 0.66 -26.77
N VAL D 91 -20.31 -0.47 -26.66
CA VAL D 91 -21.26 -0.70 -25.58
C VAL D 91 -20.88 -2.01 -24.90
N MET D 92 -20.74 -1.97 -23.58
CA MET D 92 -20.22 -3.13 -22.88
C MET D 92 -20.81 -3.18 -21.47
N LEU D 93 -20.78 -4.37 -20.88
CA LEU D 93 -21.22 -4.51 -19.50
C LEU D 93 -20.25 -3.81 -18.56
N ALA D 94 -20.79 -2.99 -17.66
CA ALA D 94 -19.94 -2.26 -16.72
C ALA D 94 -19.18 -3.20 -15.79
N ASP D 95 -19.86 -4.23 -15.28
CA ASP D 95 -19.21 -5.16 -14.36
C ASP D 95 -18.39 -6.23 -15.07
N SER D 96 -18.54 -6.40 -16.38
CA SER D 96 -17.80 -7.41 -17.15
C SER D 96 -17.41 -6.83 -18.51
N PRO D 97 -16.45 -5.90 -18.52
CA PRO D 97 -16.13 -5.20 -19.78
C PRO D 97 -15.39 -6.05 -20.81
N ARG D 98 -14.95 -7.27 -20.46
CA ARG D 98 -14.12 -8.05 -21.37
C ARG D 98 -14.78 -9.38 -21.74
N GLU D 99 -16.05 -9.36 -22.10
CA GLU D 99 -16.71 -10.57 -22.57
C GLU D 99 -17.77 -10.26 -23.62
CL CL E . -12.42 10.65 -22.19
CL CL F . -31.46 7.35 -33.45
#